data_5V40
#
_entry.id   5V40
#
_cell.length_a   88.017
_cell.length_b   109.364
_cell.length_c   57.029
_cell.angle_alpha   90.000
_cell.angle_beta   90.000
_cell.angle_gamma   90.000
#
_symmetry.space_group_name_H-M   'P 21 21 2'
#
loop_
_entity.id
_entity.type
_entity.pdbx_description
1 polymer 'Polyketide synthase Pks13 (Termination polyketide synthase)'
2 non-polymer 'ethyl 4-[(dimethylamino)methyl]-5-hydroxy-2-phenyl-1-benzofuran-3-carboxylate'
3 water water
#
_entity_poly.entity_id   1
_entity_poly.type   'polypeptide(L)'
_entity_poly.pdbx_seq_one_letter_code
;SNAQIDGFVRTLRARPEAGGKVPVFVFHPAGGSTVVYEPLLGRLPADTPMYGFERVEGSIEERAQQYVPKLIEMQGDGPY
VLVGWSLGGVLAYACAIGLRRLGKDVRFVGLIDAVRAGEEIPQTKEEIRKRWDRYAAFAEKTFNVTIPAIPYEQLEELDD
EGQVRFVLDAVSQSGVQIPAGIIEHQRTSYLDNRAIDTAQIQPYDGHVTLYMADRYHDDAIMFEPRYAVRQPDGGWGEYV
SDLEVVPIGGEHIQAIDEPIIAKVGEHMSRALGQIEADRTSEVGKQ
;
_entity_poly.pdbx_strand_id   A,B
#
# COMPACT_ATOMS: atom_id res chain seq x y z
N ILE A 5 -5.01 -29.75 21.32
CA ILE A 5 -5.79 -28.58 21.72
C ILE A 5 -5.67 -28.41 23.23
N ASP A 6 -5.23 -27.23 23.66
CA ASP A 6 -4.92 -26.97 25.06
C ASP A 6 -5.46 -25.59 25.44
N GLY A 7 -6.64 -25.55 26.07
CA GLY A 7 -7.26 -24.28 26.41
C GLY A 7 -7.63 -23.50 25.14
N PHE A 8 -7.03 -22.31 24.97
CA PHE A 8 -7.20 -21.57 23.73
C PHE A 8 -5.98 -21.66 22.83
N VAL A 9 -5.05 -22.58 23.12
CA VAL A 9 -3.83 -22.72 22.34
C VAL A 9 -3.91 -24.02 21.57
N ARG A 10 -3.90 -23.92 20.24
CA ARG A 10 -3.89 -25.07 19.35
C ARG A 10 -2.47 -25.29 18.85
N THR A 11 -1.98 -26.52 18.92
CA THR A 11 -0.65 -26.84 18.41
C THR A 11 -0.79 -27.27 16.94
N LEU A 12 -0.34 -26.43 16.02
CA LEU A 12 -0.34 -26.82 14.61
C LEU A 12 0.92 -27.61 14.25
N ARG A 13 2.07 -27.15 14.72
CA ARG A 13 3.29 -27.94 14.66
C ARG A 13 4.05 -27.71 15.95
N ALA A 14 4.25 -28.77 16.72
CA ALA A 14 4.95 -28.63 18.00
C ALA A 14 6.41 -28.26 17.79
N ARG A 15 6.92 -27.43 18.70
CA ARG A 15 8.36 -27.20 18.77
C ARG A 15 9.04 -28.43 19.37
N PRO A 16 10.31 -28.65 19.06
CA PRO A 16 11.04 -29.74 19.72
C PRO A 16 11.15 -29.51 21.21
N GLU A 17 11.59 -30.55 21.93
CA GLU A 17 11.61 -30.50 23.39
C GLU A 17 12.35 -29.27 23.91
N ALA A 18 13.56 -29.02 23.39
CA ALA A 18 14.28 -27.78 23.63
C ALA A 18 15.00 -27.38 22.36
N GLY A 19 15.31 -26.08 22.23
CA GLY A 19 15.97 -25.63 21.02
C GLY A 19 14.97 -25.44 19.89
N GLY A 20 15.51 -25.35 18.68
CA GLY A 20 14.73 -25.32 17.47
C GLY A 20 14.39 -23.91 17.03
N LYS A 21 13.57 -23.82 15.99
CA LYS A 21 13.32 -22.54 15.36
C LYS A 21 12.30 -21.74 16.16
N VAL A 22 12.33 -20.43 15.96
CA VAL A 22 11.36 -19.53 16.58
C VAL A 22 9.94 -19.92 16.14
N PRO A 23 9.00 -20.12 17.07
CA PRO A 23 7.63 -20.44 16.68
C PRO A 23 6.93 -19.27 16.03
N VAL A 24 5.99 -19.58 15.14
CA VAL A 24 5.06 -18.59 14.62
C VAL A 24 3.77 -18.71 15.43
N PHE A 25 3.35 -17.62 16.05
CA PHE A 25 2.08 -17.58 16.76
C PHE A 25 1.04 -16.96 15.84
N VAL A 26 -0.02 -17.72 15.53
CA VAL A 26 -1.11 -17.23 14.70
C VAL A 26 -2.36 -17.03 15.56
N PHE A 27 -3.20 -16.09 15.15
CA PHE A 27 -4.39 -15.71 15.90
C PHE A 27 -5.62 -15.89 15.01
N HIS A 28 -6.70 -16.40 15.62
CA HIS A 28 -7.86 -16.87 14.88
C HIS A 28 -8.53 -15.74 14.09
N PRO A 29 -9.19 -16.08 12.98
CA PRO A 29 -9.95 -15.08 12.22
C PRO A 29 -11.36 -14.89 12.79
N ALA A 30 -11.99 -13.81 12.33
CA ALA A 30 -13.38 -13.57 12.71
C ALA A 30 -14.27 -14.74 12.30
N GLY A 31 -14.92 -15.37 13.27
CA GLY A 31 -15.81 -16.47 12.95
C GLY A 31 -15.12 -17.78 12.61
N GLY A 32 -13.84 -17.93 12.92
CA GLY A 32 -13.15 -19.16 12.58
C GLY A 32 -12.08 -19.49 13.61
N SER A 33 -11.36 -20.58 13.35
CA SER A 33 -10.30 -21.06 14.23
C SER A 33 -8.97 -21.01 13.50
N THR A 34 -7.88 -21.33 14.21
CA THR A 34 -6.55 -21.26 13.62
C THR A 34 -6.24 -22.43 12.69
N VAL A 35 -7.18 -23.35 12.48
CA VAL A 35 -6.99 -24.36 11.42
C VAL A 35 -6.81 -23.69 10.06
N VAL A 36 -7.30 -22.46 9.89
CA VAL A 36 -7.16 -21.78 8.60
C VAL A 36 -5.71 -21.47 8.25
N TYR A 37 -4.79 -21.55 9.22
CA TYR A 37 -3.39 -21.22 8.94
C TYR A 37 -2.56 -22.40 8.46
N GLU A 38 -3.15 -23.59 8.32
CA GLU A 38 -2.42 -24.74 7.78
C GLU A 38 -1.81 -24.50 6.39
N PRO A 39 -2.51 -23.92 5.41
CA PRO A 39 -1.83 -23.63 4.14
C PRO A 39 -0.63 -22.72 4.32
N LEU A 40 -0.74 -21.67 5.15
CA LEU A 40 0.41 -20.83 5.47
C LEU A 40 1.55 -21.67 6.03
N LEU A 41 1.22 -22.56 6.97
CA LEU A 41 2.23 -23.43 7.57
C LEU A 41 2.97 -24.24 6.51
N GLY A 42 2.24 -24.76 5.51
CA GLY A 42 2.89 -25.51 4.45
C GLY A 42 3.84 -24.68 3.60
N ARG A 43 3.72 -23.36 3.63
CA ARG A 43 4.56 -22.47 2.83
C ARG A 43 5.65 -21.83 3.65
N LEU A 44 5.80 -22.22 4.90
CA LEU A 44 6.86 -21.75 5.78
C LEU A 44 7.97 -22.79 5.85
N PRO A 45 9.17 -22.43 6.33
CA PRO A 45 10.28 -23.37 6.32
C PRO A 45 9.99 -24.62 7.15
N ALA A 46 10.69 -25.69 6.79
CA ALA A 46 10.60 -26.95 7.51
C ALA A 46 10.91 -26.75 8.98
N ASP A 47 10.17 -27.46 9.83
CA ASP A 47 10.35 -27.46 11.27
C ASP A 47 10.05 -26.11 11.90
N THR A 48 9.38 -25.21 11.17
CA THR A 48 8.87 -24.01 11.80
C THR A 48 7.71 -24.38 12.72
N PRO A 49 7.82 -24.19 14.03
CA PRO A 49 6.68 -24.47 14.91
C PRO A 49 5.58 -23.43 14.74
N MET A 50 4.35 -23.84 15.02
CA MET A 50 3.23 -22.90 14.93
C MET A 50 2.21 -23.22 15.99
N TYR A 51 1.80 -22.20 16.74
CA TYR A 51 0.78 -22.31 17.76
C TYR A 51 -0.30 -21.28 17.45
N GLY A 52 -1.55 -21.70 17.53
CA GLY A 52 -2.68 -20.84 17.20
C GLY A 52 -3.45 -20.47 18.46
N PHE A 53 -3.79 -19.19 18.57
CA PHE A 53 -4.51 -18.67 19.72
C PHE A 53 -5.98 -18.47 19.34
N GLU A 54 -6.87 -19.15 20.06
CA GLU A 54 -8.28 -19.16 19.70
C GLU A 54 -9.06 -18.10 20.46
N ARG A 55 -10.37 -18.08 20.23
CA ARG A 55 -11.22 -16.98 20.71
C ARG A 55 -11.30 -16.94 22.24
N VAL A 56 -11.23 -15.72 22.77
CA VAL A 56 -11.52 -15.40 24.16
C VAL A 56 -12.40 -14.15 24.17
N GLU A 57 -12.94 -13.82 25.34
CA GLU A 57 -13.94 -12.78 25.52
C GLU A 57 -13.27 -11.43 25.83
N GLY A 58 -13.95 -10.35 25.47
CA GLY A 58 -13.59 -9.04 25.95
C GLY A 58 -13.22 -8.08 24.83
N SER A 59 -12.83 -6.88 25.25
CA SER A 59 -12.23 -5.93 24.34
C SER A 59 -10.91 -6.49 23.82
N ILE A 60 -10.39 -5.87 22.76
CA ILE A 60 -9.10 -6.31 22.21
C ILE A 60 -8.05 -6.34 23.31
N GLU A 61 -7.95 -5.24 24.08
CA GLU A 61 -6.95 -5.17 25.14
C GLU A 61 -7.20 -6.20 26.22
N GLU A 62 -8.48 -6.46 26.54
CA GLU A 62 -8.81 -7.50 27.50
C GLU A 62 -8.44 -8.87 26.97
N ARG A 63 -8.57 -9.09 25.66
CA ARG A 63 -8.19 -10.37 25.09
C ARG A 63 -6.67 -10.53 25.10
N ALA A 64 -5.95 -9.45 24.75
CA ALA A 64 -4.49 -9.52 24.81
C ALA A 64 -4.01 -9.69 26.23
N GLN A 65 -4.75 -9.15 27.21
CA GLN A 65 -4.42 -9.39 28.61
C GLN A 65 -4.44 -10.88 28.93
N GLN A 66 -5.25 -11.67 28.23
CA GLN A 66 -5.24 -13.10 28.44
C GLN A 66 -4.16 -13.78 27.62
N TYR A 67 -3.92 -13.28 26.41
CA TYR A 67 -2.96 -13.93 25.52
C TYR A 67 -1.51 -13.72 25.95
N VAL A 68 -1.16 -12.49 26.35
CA VAL A 68 0.24 -12.16 26.59
C VAL A 68 0.87 -13.03 27.69
N PRO A 69 0.23 -13.26 28.85
CA PRO A 69 0.83 -14.21 29.81
C PRO A 69 1.10 -15.58 29.24
N LYS A 70 0.20 -16.07 28.38
CA LYS A 70 0.40 -17.39 27.78
C LYS A 70 1.54 -17.37 26.79
N LEU A 71 1.64 -16.29 25.99
CA LEU A 71 2.77 -16.15 25.09
C LEU A 71 4.09 -16.19 25.84
N ILE A 72 4.16 -15.44 26.94
CA ILE A 72 5.39 -15.39 27.72
C ILE A 72 5.67 -16.73 28.38
N GLU A 73 4.62 -17.41 28.86
CA GLU A 73 4.80 -18.77 29.36
C GLU A 73 5.46 -19.65 28.31
N MET A 74 5.08 -19.50 27.05
CA MET A 74 5.59 -20.41 26.03
C MET A 74 6.95 -19.98 25.46
N GLN A 75 7.25 -18.68 25.43
CA GLN A 75 8.41 -18.21 24.65
C GLN A 75 9.32 -17.26 25.43
N GLY A 76 8.97 -16.88 26.66
CA GLY A 76 9.86 -16.07 27.49
C GLY A 76 10.17 -14.70 26.90
N ASP A 77 11.47 -14.38 26.81
CA ASP A 77 11.88 -13.05 26.40
C ASP A 77 11.72 -12.82 24.90
N GLY A 78 11.47 -13.88 24.14
CA GLY A 78 11.40 -13.78 22.71
C GLY A 78 12.38 -14.73 22.09
N PRO A 79 12.58 -14.64 20.77
CA PRO A 79 11.92 -13.68 19.87
C PRO A 79 10.43 -14.01 19.61
N TYR A 80 9.59 -13.00 19.43
CA TYR A 80 8.18 -13.20 19.12
C TYR A 80 7.90 -12.92 17.65
N VAL A 81 7.21 -13.86 17.02
CA VAL A 81 6.68 -13.71 15.67
C VAL A 81 5.16 -13.88 15.80
N LEU A 82 4.41 -12.84 15.45
CA LEU A 82 2.97 -12.80 15.69
C LEU A 82 2.26 -12.54 14.37
N VAL A 83 1.31 -13.41 14.00
CA VAL A 83 0.72 -13.38 12.66
C VAL A 83 -0.78 -13.53 12.76
N GLY A 84 -1.51 -12.76 11.96
CA GLY A 84 -2.95 -12.95 11.93
C GLY A 84 -3.64 -12.41 10.70
N TRP A 85 -4.55 -13.21 10.17
CA TRP A 85 -5.51 -12.80 9.16
C TRP A 85 -6.80 -12.33 9.84
N SER A 86 -7.51 -11.41 9.20
CA SER A 86 -8.83 -10.96 9.70
C SER A 86 -8.65 -10.39 11.10
N LEU A 87 -9.53 -10.74 12.05
CA LEU A 87 -9.43 -10.26 13.43
C LEU A 87 -8.09 -10.67 14.05
N GLY A 88 -7.58 -11.85 13.67
CA GLY A 88 -6.30 -12.31 14.20
C GLY A 88 -5.16 -11.31 14.03
N GLY A 89 -5.21 -10.51 12.96
CA GLY A 89 -4.20 -9.47 12.77
C GLY A 89 -4.26 -8.42 13.86
N VAL A 90 -5.48 -7.97 14.20
CA VAL A 90 -5.64 -6.99 15.27
C VAL A 90 -5.18 -7.58 16.59
N LEU A 91 -5.52 -8.85 16.83
CA LEU A 91 -5.10 -9.55 18.04
C LEU A 91 -3.58 -9.66 18.09
N ALA A 92 -2.96 -10.10 17.00
CA ALA A 92 -1.49 -10.17 16.98
C ALA A 92 -0.87 -8.82 17.31
N TYR A 93 -1.42 -7.77 16.72
CA TYR A 93 -0.87 -6.43 16.91
C TYR A 93 -1.00 -5.98 18.35
N ALA A 94 -2.16 -6.21 18.97
CA ALA A 94 -2.34 -5.85 20.38
C ALA A 94 -1.38 -6.63 21.27
N CYS A 95 -1.11 -7.89 20.94
CA CYS A 95 -0.15 -8.67 21.73
C CYS A 95 1.25 -8.11 21.56
N ALA A 96 1.60 -7.69 20.33
CA ALA A 96 2.89 -7.03 20.10
C ALA A 96 3.08 -5.82 21.01
N ILE A 97 2.06 -4.96 21.09
CA ILE A 97 2.14 -3.80 21.98
C ILE A 97 2.33 -4.25 23.41
N GLY A 98 1.53 -5.23 23.86
CA GLY A 98 1.66 -5.72 25.22
C GLY A 98 3.01 -6.34 25.51
N LEU A 99 3.55 -7.12 24.57
CA LEU A 99 4.84 -7.76 24.81
C LEU A 99 5.98 -6.75 24.82
N ARG A 100 5.94 -5.77 23.91
CA ARG A 100 7.01 -4.79 23.85
C ARG A 100 7.01 -3.93 25.11
N ARG A 101 5.82 -3.61 25.61
CA ARG A 101 5.68 -2.82 26.82
C ARG A 101 6.25 -3.54 28.04
N LEU A 102 6.29 -4.87 28.02
CA LEU A 102 6.91 -5.63 29.08
C LEU A 102 8.38 -5.93 28.81
N GLY A 103 8.96 -5.28 27.82
CA GLY A 103 10.36 -5.46 27.52
C GLY A 103 10.68 -6.70 26.71
N LYS A 104 9.68 -7.36 26.14
CA LYS A 104 9.94 -8.54 25.35
C LYS A 104 10.39 -8.17 23.94
N ASP A 105 11.03 -9.13 23.27
CA ASP A 105 11.63 -8.93 21.96
C ASP A 105 10.68 -9.40 20.85
N VAL A 106 9.94 -8.46 20.26
CA VAL A 106 9.03 -8.77 19.16
C VAL A 106 9.74 -8.48 17.85
N ARG A 107 9.94 -9.52 17.02
CA ARG A 107 10.71 -9.39 15.79
C ARG A 107 9.85 -9.31 14.54
N PHE A 108 8.60 -9.77 14.56
CA PHE A 108 7.81 -9.79 13.34
C PHE A 108 6.33 -9.72 13.70
N VAL A 109 5.60 -8.82 13.05
CA VAL A 109 4.15 -8.76 13.18
C VAL A 109 3.60 -8.85 11.77
N GLY A 110 2.87 -9.93 11.49
CA GLY A 110 2.38 -10.12 10.14
C GLY A 110 0.88 -10.00 10.08
N LEU A 111 0.36 -8.94 9.44
CA LEU A 111 -1.08 -8.73 9.32
C LEU A 111 -1.48 -9.21 7.94
N ILE A 112 -2.28 -10.25 7.89
CA ILE A 112 -2.75 -10.78 6.62
C ILE A 112 -4.08 -10.10 6.31
N ASP A 113 -4.00 -9.04 5.52
CA ASP A 113 -5.14 -8.23 5.07
C ASP A 113 -6.07 -7.82 6.21
N ALA A 114 -5.49 -7.54 7.38
CA ALA A 114 -6.24 -7.01 8.51
C ALA A 114 -6.44 -5.50 8.30
N VAL A 115 -7.25 -5.17 7.31
CA VAL A 115 -7.34 -3.81 6.79
C VAL A 115 -8.50 -3.06 7.45
N ARG A 116 -8.20 -1.85 7.95
CA ARG A 116 -9.21 -1.00 8.57
C ARG A 116 -10.20 -0.48 7.53
N ALA A 117 -11.41 -0.19 7.97
CA ALA A 117 -12.37 0.48 7.11
C ALA A 117 -11.77 1.80 6.61
N GLY A 118 -12.12 2.16 5.37
CA GLY A 118 -11.54 3.36 4.77
C GLY A 118 -12.06 4.64 5.39
N GLU A 119 -13.22 4.60 6.01
CA GLU A 119 -13.77 5.70 6.79
C GLU A 119 -14.00 5.15 8.18
N GLU A 120 -13.65 5.94 9.20
CA GLU A 120 -13.79 5.47 10.58
C GLU A 120 -15.24 5.07 10.87
N ILE A 121 -15.40 3.93 11.55
CA ILE A 121 -16.72 3.46 11.97
C ILE A 121 -17.02 4.08 13.32
N PRO A 122 -17.98 5.00 13.43
CA PRO A 122 -18.24 5.66 14.71
C PRO A 122 -18.82 4.68 15.73
N GLN A 123 -18.53 4.93 17.00
CA GLN A 123 -19.10 4.18 18.11
C GLN A 123 -20.06 5.10 18.85
N THR A 124 -21.19 5.35 18.19
CA THR A 124 -22.20 6.30 18.62
C THR A 124 -23.58 5.66 18.58
N LYS A 125 -24.52 6.34 19.23
CA LYS A 125 -25.89 5.84 19.26
C LYS A 125 -26.51 5.91 17.88
N GLU A 126 -26.16 6.95 17.11
CA GLU A 126 -26.67 7.06 15.74
C GLU A 126 -26.21 5.87 14.90
N GLU A 127 -24.99 5.41 15.12
CA GLU A 127 -24.49 4.27 14.35
C GLU A 127 -25.21 2.98 14.74
N ILE A 128 -25.57 2.85 16.02
CA ILE A 128 -26.38 1.70 16.45
C ILE A 128 -27.70 1.65 15.68
N ARG A 129 -28.36 2.80 15.53
CA ARG A 129 -29.59 2.83 14.74
C ARG A 129 -29.34 2.45 13.30
N LYS A 130 -28.29 3.04 12.69
CA LYS A 130 -27.95 2.72 11.30
C LYS A 130 -27.63 1.24 11.14
N ARG A 131 -26.89 0.68 12.11
CA ARG A 131 -26.46 -0.70 12.03
C ARG A 131 -27.64 -1.65 12.06
N TRP A 132 -28.55 -1.43 13.02
CA TRP A 132 -29.67 -2.33 13.17
C TRP A 132 -30.74 -2.08 12.11
N ASP A 133 -30.88 -0.84 11.64
CA ASP A 133 -31.77 -0.62 10.51
C ASP A 133 -31.31 -1.43 9.31
N ARG A 134 -29.99 -1.47 9.07
CA ARG A 134 -29.48 -2.27 7.96
C ARG A 134 -29.77 -3.75 8.17
N TYR A 135 -29.47 -4.27 9.36
CA TYR A 135 -29.69 -5.69 9.63
C TYR A 135 -31.16 -6.05 9.53
N ALA A 136 -32.03 -5.19 10.07
CA ALA A 136 -33.47 -5.42 9.97
C ALA A 136 -33.89 -5.54 8.52
N ALA A 137 -33.36 -4.67 7.65
CA ALA A 137 -33.69 -4.75 6.22
C ALA A 137 -33.25 -6.09 5.64
N PHE A 138 -32.09 -6.59 6.06
CA PHE A 138 -31.64 -7.90 5.61
C PHE A 138 -32.58 -8.99 6.10
N ALA A 139 -33.06 -8.87 7.34
CA ALA A 139 -33.95 -9.89 7.85
C ALA A 139 -35.32 -9.84 7.17
N GLU A 140 -35.73 -8.68 6.68
CA GLU A 140 -37.00 -8.59 5.95
C GLU A 140 -36.89 -9.21 4.57
N LYS A 141 -35.78 -8.97 3.86
CA LYS A 141 -35.63 -9.49 2.50
C LYS A 141 -35.38 -10.99 2.50
N THR A 142 -34.50 -11.46 3.39
CA THR A 142 -34.11 -12.86 3.38
C THR A 142 -35.10 -13.77 4.09
N PHE A 143 -35.98 -13.24 4.93
CA PHE A 143 -36.95 -14.10 5.63
C PHE A 143 -38.41 -13.78 5.32
N VAL A 145 -40.65 -11.51 5.81
CA VAL A 145 -41.30 -10.94 6.98
C VAL A 145 -41.18 -9.40 6.98
N THR A 146 -42.04 -8.75 7.77
CA THR A 146 -41.96 -7.33 8.03
C THR A 146 -41.58 -7.15 9.49
N ILE A 147 -40.68 -6.21 9.75
CA ILE A 147 -40.09 -6.07 11.08
C ILE A 147 -40.63 -4.80 11.73
N PRO A 148 -41.12 -4.89 12.97
CA PRO A 148 -41.69 -3.72 13.65
C PRO A 148 -40.62 -2.69 13.96
N ALA A 149 -41.07 -1.56 14.52
CA ALA A 149 -40.14 -0.53 14.96
C ALA A 149 -39.07 -1.14 15.86
N ILE A 150 -37.82 -0.81 15.55
CA ILE A 150 -36.67 -1.29 16.31
C ILE A 150 -36.61 -0.56 17.64
N PRO A 151 -36.61 -1.27 18.76
CA PRO A 151 -36.53 -0.59 20.06
C PRO A 151 -35.15 0.03 20.25
N TYR A 152 -34.91 1.20 19.63
CA TYR A 152 -33.56 1.75 19.65
C TYR A 152 -33.11 2.10 21.06
N GLU A 153 -34.04 2.51 21.93
CA GLU A 153 -33.68 2.96 23.27
C GLU A 153 -33.08 1.83 24.09
N GLN A 154 -33.58 0.60 23.93
CA GLN A 154 -33.00 -0.55 24.62
C GLN A 154 -31.62 -0.91 24.06
N LEU A 155 -31.50 -0.91 22.74
CA LEU A 155 -30.28 -1.35 22.08
C LEU A 155 -29.09 -0.45 22.42
N GLU A 156 -29.29 0.87 22.38
CA GLU A 156 -28.15 1.77 22.46
C GLU A 156 -27.51 1.82 23.84
N GLU A 157 -28.13 1.23 24.85
CA GLU A 157 -27.50 1.16 26.16
C GLU A 157 -26.70 -0.13 26.36
N LEU A 158 -26.77 -1.05 25.41
CA LEU A 158 -26.14 -2.37 25.52
C LEU A 158 -24.84 -2.39 24.73
N ASP A 159 -23.92 -3.25 25.14
CA ASP A 159 -22.76 -3.48 24.29
C ASP A 159 -23.14 -4.47 23.19
N ASP A 160 -22.19 -4.76 22.30
CA ASP A 160 -22.48 -5.61 21.16
C ASP A 160 -23.04 -6.95 21.60
N GLU A 161 -22.43 -7.55 22.61
CA GLU A 161 -22.93 -8.83 23.10
C GLU A 161 -24.37 -8.67 23.63
N GLY A 162 -24.64 -7.58 24.36
CA GLY A 162 -25.99 -7.36 24.85
C GLY A 162 -27.00 -7.10 23.73
N GLN A 163 -26.59 -6.34 22.72
CA GLN A 163 -27.47 -6.05 21.60
C GLN A 163 -27.92 -7.33 20.91
N VAL A 164 -26.96 -8.19 20.54
CA VAL A 164 -27.31 -9.39 19.80
C VAL A 164 -28.12 -10.35 20.67
N ARG A 165 -27.79 -10.46 21.96
CA ARG A 165 -28.63 -11.25 22.86
C ARG A 165 -30.03 -10.65 22.95
N PHE A 166 -30.14 -9.31 23.02
CA PHE A 166 -31.45 -8.68 23.09
C PHE A 166 -32.29 -9.02 21.87
N VAL A 167 -31.69 -8.99 20.68
CA VAL A 167 -32.43 -9.28 19.45
C VAL A 167 -32.77 -10.76 19.36
N LEU A 168 -31.85 -11.64 19.77
CA LEU A 168 -32.15 -13.06 19.78
C LEU A 168 -33.28 -13.39 20.75
N ASP A 169 -33.29 -12.72 21.91
CA ASP A 169 -34.37 -12.92 22.88
C ASP A 169 -35.71 -12.49 22.30
N ALA A 170 -35.73 -11.33 21.62
CA ALA A 170 -36.97 -10.87 21.00
C ALA A 170 -37.42 -11.81 19.88
N VAL A 171 -36.46 -12.32 19.11
CA VAL A 171 -36.80 -13.22 18.01
C VAL A 171 -37.45 -14.50 18.56
N SER A 172 -36.99 -14.95 19.73
CA SER A 172 -37.57 -16.15 20.34
C SER A 172 -39.03 -15.91 20.70
N GLN A 173 -39.32 -14.82 21.42
CA GLN A 173 -40.69 -14.47 21.76
C GLN A 173 -41.51 -14.11 20.51
N VAL A 176 -38.85 -17.52 15.17
CA VAL A 176 -39.14 -17.91 16.55
C VAL A 176 -38.16 -18.97 17.07
N GLN A 177 -37.93 -20.05 16.31
CA GLN A 177 -37.12 -21.19 16.73
C GLN A 177 -35.87 -21.34 15.87
N ILE A 178 -34.68 -21.16 16.46
CA ILE A 178 -33.43 -21.32 15.69
C ILE A 178 -32.48 -22.31 16.37
N PRO A 179 -31.91 -23.27 15.62
CA PRO A 179 -30.99 -24.24 16.24
C PRO A 179 -29.80 -23.62 16.94
N ALA A 180 -29.46 -24.20 18.10
CA ALA A 180 -28.42 -23.64 18.97
C ALA A 180 -27.09 -23.49 18.24
N GLY A 181 -26.70 -24.50 17.45
CA GLY A 181 -25.42 -24.45 16.76
C GLY A 181 -25.31 -23.29 15.78
N ILE A 182 -26.40 -23.02 15.04
CA ILE A 182 -26.39 -21.91 14.08
C ILE A 182 -26.38 -20.57 14.80
N ILE A 183 -27.20 -20.40 15.85
CA ILE A 183 -27.20 -19.16 16.61
C ILE A 183 -25.81 -18.87 17.14
N GLU A 184 -25.17 -19.88 17.72
CA GLU A 184 -23.85 -19.65 18.32
C GLU A 184 -22.83 -19.28 17.25
N HIS A 185 -22.87 -19.93 16.09
CA HIS A 185 -21.91 -19.60 15.04
C HIS A 185 -22.11 -18.18 14.51
N GLN A 186 -23.36 -17.77 14.28
CA GLN A 186 -23.61 -16.42 13.79
C GLN A 186 -23.27 -15.39 14.85
N ARG A 187 -23.66 -15.65 16.09
CA ARG A 187 -23.38 -14.75 17.20
C ARG A 187 -21.88 -14.50 17.33
N THR A 188 -21.09 -15.58 17.35
CA THR A 188 -19.65 -15.39 17.54
C THR A 188 -19.01 -14.76 16.32
N SER A 189 -19.49 -15.10 15.11
CA SER A 189 -18.92 -14.45 13.93
C SER A 189 -19.25 -12.97 13.92
N TYR A 190 -20.51 -12.64 14.24
CA TYR A 190 -20.91 -11.24 14.36
C TYR A 190 -20.08 -10.53 15.42
N LEU A 191 -19.95 -11.12 16.61
CA LEU A 191 -19.19 -10.45 17.66
C LEU A 191 -17.71 -10.30 17.30
N ASP A 192 -17.13 -11.30 16.62
CA ASP A 192 -15.73 -11.19 16.19
C ASP A 192 -15.56 -10.07 15.18
N ASN A 193 -16.51 -9.91 14.26
CA ASN A 193 -16.43 -8.82 13.29
C ASN A 193 -16.63 -7.47 13.95
N ARG A 194 -17.59 -7.36 14.86
CA ARG A 194 -17.74 -6.09 15.57
C ARG A 194 -16.49 -5.75 16.36
N ALA A 195 -15.79 -6.76 16.88
CA ALA A 195 -14.56 -6.49 17.59
C ALA A 195 -13.51 -5.85 16.67
N ILE A 196 -13.52 -6.20 15.38
CA ILE A 196 -12.65 -5.53 14.40
C ILE A 196 -13.04 -4.06 14.30
N ASP A 197 -14.34 -3.80 14.19
CA ASP A 197 -14.85 -2.44 14.04
C ASP A 197 -14.47 -1.57 15.22
N THR A 198 -14.57 -2.10 16.43
CA THR A 198 -14.42 -1.28 17.63
C THR A 198 -13.01 -1.29 18.20
N ALA A 199 -12.06 -1.92 17.53
CA ALA A 199 -10.68 -1.94 18.01
C ALA A 199 -10.12 -0.53 18.10
N GLN A 200 -9.53 -0.18 19.24
CA GLN A 200 -8.83 1.09 19.43
C GLN A 200 -7.34 0.87 19.19
N ILE A 201 -6.90 1.14 17.96
CA ILE A 201 -5.52 0.88 17.56
C ILE A 201 -4.57 1.85 18.26
N GLN A 202 -3.55 1.31 18.96
CA GLN A 202 -2.51 2.07 19.63
C GLN A 202 -1.23 2.13 18.78
N PRO A 203 -0.37 3.13 19.02
CA PRO A 203 0.91 3.19 18.31
C PRO A 203 1.81 2.01 18.65
N TYR A 204 2.51 1.50 17.64
CA TYR A 204 3.48 0.42 17.81
C TYR A 204 4.78 0.81 17.12
N ASP A 205 5.89 0.65 17.83
CA ASP A 205 7.17 1.16 17.36
C ASP A 205 8.08 0.09 16.79
N GLY A 206 7.53 -1.08 16.48
CA GLY A 206 8.28 -2.12 15.80
C GLY A 206 7.87 -2.20 14.34
N HIS A 207 8.51 -3.13 13.63
CA HIS A 207 8.25 -3.32 12.21
C HIS A 207 6.99 -4.16 12.05
N VAL A 208 6.09 -3.71 11.18
CA VAL A 208 4.86 -4.43 10.89
C VAL A 208 4.82 -4.72 9.40
N THR A 209 4.43 -5.94 9.05
CA THR A 209 4.32 -6.37 7.66
C THR A 209 2.84 -6.57 7.36
N LEU A 210 2.31 -5.81 6.40
CA LEU A 210 0.91 -5.89 6.04
C LEU A 210 0.77 -6.50 4.64
N TYR A 211 0.27 -7.73 4.58
CA TYR A 211 -0.04 -8.33 3.29
C TYR A 211 -1.40 -7.81 2.86
N MET A 212 -1.42 -7.10 1.74
CA MET A 212 -2.58 -6.31 1.36
C MET A 212 -3.24 -6.86 0.11
N ALA A 213 -4.49 -7.32 0.27
CA ALA A 213 -5.30 -7.76 -0.86
C ALA A 213 -5.88 -6.54 -1.59
N ASP A 214 -6.61 -6.79 -2.68
CA ASP A 214 -7.21 -5.69 -3.44
C ASP A 214 -8.41 -5.06 -2.73
N ARG A 215 -9.22 -5.87 -2.04
CA ARG A 215 -10.51 -5.39 -1.56
C ARG A 215 -11.09 -6.42 -0.61
N TYR A 216 -12.00 -5.95 0.25
CA TYR A 216 -12.84 -6.87 1.01
C TYR A 216 -13.84 -7.54 0.09
N HIS A 217 -14.21 -8.77 0.45
CA HIS A 217 -15.21 -9.49 -0.33
C HIS A 217 -16.60 -8.86 -0.14
N ASP A 218 -17.51 -9.23 -1.05
CA ASP A 218 -18.83 -8.62 -1.12
C ASP A 218 -19.62 -8.74 0.17
N ASP A 219 -19.61 -9.92 0.79
CA ASP A 219 -20.42 -10.08 2.00
C ASP A 219 -19.93 -9.16 3.12
N ALA A 220 -18.61 -9.00 3.23
CA ALA A 220 -18.07 -8.07 4.22
C ALA A 220 -18.57 -6.66 3.96
N ILE A 221 -18.57 -6.23 2.70
CA ILE A 221 -19.05 -4.89 2.39
C ILE A 221 -20.55 -4.75 2.65
N MET A 222 -21.34 -5.81 2.42
CA MET A 222 -22.78 -5.74 2.68
C MET A 222 -23.08 -5.39 4.13
N PHE A 223 -22.33 -5.96 5.08
CA PHE A 223 -22.58 -5.68 6.49
C PHE A 223 -22.10 -4.28 6.89
N GLU A 224 -20.99 -3.81 6.32
CA GLU A 224 -20.45 -2.50 6.67
C GLU A 224 -19.87 -1.89 5.42
N PRO A 225 -20.62 -1.04 4.72
CA PRO A 225 -20.15 -0.52 3.43
C PRO A 225 -18.92 0.36 3.53
N ARG A 226 -18.52 0.82 4.72
CA ARG A 226 -17.27 1.56 4.81
C ARG A 226 -16.05 0.69 4.50
N TYR A 227 -16.20 -0.63 4.44
CA TYR A 227 -15.11 -1.52 4.04
C TYR A 227 -14.95 -1.61 2.54
N ALA A 228 -15.83 -0.95 1.76
CA ALA A 228 -15.70 -0.95 0.31
C ALA A 228 -14.52 -0.13 -0.15
N VAL A 229 -13.95 0.69 0.74
CA VAL A 229 -12.83 1.56 0.43
C VAL A 229 -11.71 1.24 1.42
N ARG A 230 -10.50 1.09 0.91
CA ARG A 230 -9.33 0.95 1.75
C ARG A 230 -8.31 2.01 1.34
N GLN A 231 -7.52 2.44 2.32
CA GLN A 231 -6.41 3.34 2.07
C GLN A 231 -5.19 2.52 1.66
N PRO A 232 -4.22 3.14 0.97
CA PRO A 232 -3.03 2.39 0.57
C PRO A 232 -2.31 1.72 1.74
N ASP A 233 -2.29 2.36 2.90
CA ASP A 233 -1.66 1.79 4.08
C ASP A 233 -2.60 0.91 4.88
N GLY A 234 -3.84 0.71 4.43
CA GLY A 234 -4.78 -0.08 5.17
C GLY A 234 -5.23 0.50 6.49
N GLY A 235 -4.94 1.78 6.75
CA GLY A 235 -5.28 2.41 8.01
C GLY A 235 -4.25 2.26 9.10
N TRP A 236 -3.09 1.67 8.79
CA TRP A 236 -2.10 1.39 9.82
C TRP A 236 -0.98 2.42 9.87
N GLY A 237 -0.80 3.19 8.80
CA GLY A 237 0.33 4.11 8.73
C GLY A 237 0.37 5.11 9.87
N GLU A 238 -0.78 5.64 10.26
CA GLU A 238 -0.78 6.63 11.34
C GLU A 238 -0.38 6.03 12.68
N TYR A 239 -0.43 4.71 12.85
CA TYR A 239 -0.01 4.08 14.10
C TYR A 239 1.33 3.38 14.02
N VAL A 240 1.81 3.08 12.82
CA VAL A 240 3.03 2.30 12.60
C VAL A 240 3.91 3.07 11.65
N SER A 241 4.98 3.65 12.17
CA SER A 241 5.87 4.38 11.27
C SER A 241 6.74 3.41 10.48
N ASP A 242 7.15 2.31 11.12
CA ASP A 242 7.94 1.27 10.45
C ASP A 242 7.02 0.21 9.84
N LEU A 243 6.34 0.60 8.77
CA LEU A 243 5.31 -0.24 8.15
C LEU A 243 5.74 -0.68 6.75
N GLU A 244 5.68 -1.99 6.50
CA GLU A 244 5.94 -2.57 5.19
C GLU A 244 4.64 -3.16 4.65
N VAL A 245 4.32 -2.85 3.38
CA VAL A 245 3.13 -3.39 2.73
C VAL A 245 3.54 -4.32 1.60
N VAL A 246 2.97 -5.51 1.59
CA VAL A 246 3.23 -6.52 0.57
C VAL A 246 1.93 -6.77 -0.19
N PRO A 247 1.79 -6.18 -1.38
CA PRO A 247 0.56 -6.40 -2.16
C PRO A 247 0.44 -7.86 -2.59
N ILE A 248 -0.75 -8.45 -2.40
CA ILE A 248 -0.94 -9.85 -2.78
C ILE A 248 -2.14 -9.99 -3.72
N GLY A 249 -2.91 -8.93 -3.91
CA GLY A 249 -4.05 -8.99 -4.80
C GLY A 249 -5.23 -9.77 -4.22
N GLY A 250 -6.25 -9.93 -5.06
CA GLY A 250 -7.41 -10.74 -4.71
C GLY A 250 -8.32 -10.09 -3.66
N GLU A 251 -9.16 -10.93 -3.07
CA GLU A 251 -10.11 -10.48 -2.08
C GLU A 251 -9.64 -10.93 -0.69
N HIS A 252 -10.11 -10.22 0.33
CA HIS A 252 -9.82 -10.56 1.72
C HIS A 252 -10.00 -12.05 1.99
N ILE A 253 -11.12 -12.61 1.52
CA ILE A 253 -11.49 -13.99 1.83
C ILE A 253 -10.50 -14.98 1.21
N GLN A 254 -9.85 -14.60 0.10
CA GLN A 254 -8.88 -15.46 -0.56
C GLN A 254 -7.47 -15.36 0.02
N ALA A 255 -7.18 -14.34 0.83
CA ALA A 255 -5.80 -14.07 1.23
C ALA A 255 -5.20 -15.22 2.03
N ILE A 256 -6.02 -15.96 2.77
CA ILE A 256 -5.55 -17.03 3.65
C ILE A 256 -5.34 -18.34 2.92
N ASP A 257 -5.85 -18.47 1.69
CA ASP A 257 -5.86 -19.74 0.99
C ASP A 257 -4.86 -19.78 -0.16
N GLU A 258 -4.52 -21.02 -0.56
CA GLU A 258 -3.84 -21.21 -1.84
C GLU A 258 -4.74 -20.68 -2.94
N PRO A 259 -4.18 -20.05 -3.98
CA PRO A 259 -2.74 -19.88 -4.22
C PRO A 259 -2.11 -18.61 -3.60
N ILE A 260 -2.92 -17.66 -3.13
CA ILE A 260 -2.40 -16.37 -2.68
C ILE A 260 -1.50 -16.51 -1.45
N ILE A 261 -1.78 -17.47 -0.58
CA ILE A 261 -0.95 -17.66 0.61
C ILE A 261 0.48 -18.04 0.27
N ALA A 262 0.72 -18.59 -0.92
CA ALA A 262 2.09 -18.88 -1.36
C ALA A 262 2.93 -17.60 -1.42
N LYS A 263 2.31 -16.51 -1.86
CA LYS A 263 3.01 -15.22 -1.91
C LYS A 263 3.31 -14.74 -0.50
N VAL A 264 2.32 -14.82 0.40
CA VAL A 264 2.55 -14.48 1.80
C VAL A 264 3.65 -15.37 2.38
N GLY A 265 3.54 -16.67 2.15
CA GLY A 265 4.50 -17.60 2.72
C GLY A 265 5.92 -17.40 2.20
N GLU A 266 6.06 -17.12 0.91
CA GLU A 266 7.40 -16.89 0.36
C GLU A 266 8.04 -15.67 1.03
N HIS A 267 7.28 -14.58 1.16
CA HIS A 267 7.82 -13.39 1.80
C HIS A 267 8.10 -13.66 3.27
N MET A 268 7.16 -14.30 3.96
CA MET A 268 7.32 -14.56 5.38
C MET A 268 8.47 -15.53 5.67
N SER A 269 8.68 -16.52 4.79
CA SER A 269 9.82 -17.41 4.94
C SER A 269 11.13 -16.65 4.94
N ARG A 270 11.28 -15.68 4.04
CA ARG A 270 12.50 -14.88 4.02
C ARG A 270 12.68 -14.13 5.35
N ALA A 271 11.60 -13.56 5.88
CA ALA A 271 11.72 -12.82 7.13
C ALA A 271 12.13 -13.74 8.28
N LEU A 272 11.56 -14.94 8.32
CA LEU A 272 11.94 -15.89 9.37
C LEU A 272 13.39 -16.32 9.21
N GLY A 273 13.84 -16.49 7.97
CA GLY A 273 15.23 -16.86 7.74
C GLY A 273 16.19 -15.83 8.31
N GLN A 274 15.91 -14.54 8.08
CA GLN A 274 16.76 -13.49 8.64
C GLN A 274 16.75 -13.53 10.15
N ILE A 275 15.56 -13.73 10.75
CA ILE A 275 15.48 -13.88 12.20
C ILE A 275 16.35 -15.03 12.67
N GLU A 276 16.27 -16.19 12.00
CA GLU A 276 17.07 -17.34 12.40
C GLU A 276 18.57 -17.06 12.25
N ALA A 277 18.96 -16.36 11.20
CA ALA A 277 20.36 -15.98 11.03
C ALA A 277 20.82 -15.06 12.16
N ASP A 278 20.00 -14.06 12.50
CA ASP A 278 20.41 -13.10 13.53
C ASP A 278 20.50 -13.72 14.92
N ARG A 279 19.85 -14.87 15.14
CA ARG A 279 20.04 -15.58 16.39
C ARG A 279 21.43 -16.20 16.45
N THR A 280 21.83 -16.87 15.37
CA THR A 280 23.16 -17.45 15.27
C THR A 280 24.26 -16.40 15.44
N GLN B 4 28.67 20.42 -14.49
CA GLN B 4 27.56 19.84 -13.72
C GLN B 4 26.58 19.02 -14.57
N ILE B 5 26.43 19.42 -15.84
CA ILE B 5 25.48 18.77 -16.75
C ILE B 5 26.15 18.59 -18.11
N ASP B 6 26.06 17.37 -18.65
CA ASP B 6 26.73 16.98 -19.89
C ASP B 6 25.74 16.17 -20.71
N GLY B 7 25.20 16.79 -21.76
CA GLY B 7 24.12 16.18 -22.51
C GLY B 7 22.88 16.13 -21.64
N PHE B 8 22.33 14.93 -21.40
CA PHE B 8 21.21 14.81 -20.49
C PHE B 8 21.61 14.27 -19.12
N VAL B 9 22.89 14.24 -18.79
CA VAL B 9 23.34 13.68 -17.52
C VAL B 9 23.80 14.80 -16.61
N ARG B 10 23.12 14.94 -15.47
CA ARG B 10 23.49 15.89 -14.43
C ARG B 10 24.22 15.17 -13.31
N THR B 11 25.38 15.70 -12.92
CA THR B 11 26.17 15.13 -11.84
C THR B 11 25.77 15.80 -10.54
N LEU B 12 25.05 15.06 -9.68
CA LEU B 12 24.71 15.61 -8.38
C LEU B 12 25.84 15.38 -7.38
N ARG B 13 26.42 14.19 -7.36
CA ARG B 13 27.67 13.93 -6.68
C ARG B 13 28.47 12.92 -7.49
N ALA B 14 29.65 13.34 -7.97
CA ALA B 14 30.50 12.46 -8.77
C ALA B 14 31.00 11.29 -7.93
N ARG B 15 31.16 10.15 -8.58
CA ARG B 15 31.85 9.03 -7.94
C ARG B 15 33.35 9.33 -7.85
N PRO B 16 34.04 8.76 -6.86
CA PRO B 16 35.50 8.94 -6.76
C PRO B 16 36.27 8.37 -7.94
N GLU B 17 37.57 8.69 -7.98
CA GLU B 17 38.43 8.31 -9.09
C GLU B 17 38.36 6.81 -9.39
N ALA B 18 38.47 5.94 -8.35
CA ALA B 18 38.26 4.52 -8.54
C ALA B 18 37.52 3.80 -7.42
N GLY B 19 37.55 4.27 -6.18
CA GLY B 19 36.87 3.58 -5.08
C GLY B 19 35.38 3.87 -5.03
N GLY B 20 34.82 3.62 -3.84
CA GLY B 20 33.51 4.11 -3.48
C GLY B 20 32.30 3.24 -3.78
N LYS B 21 31.17 3.83 -3.46
CA LYS B 21 29.85 3.22 -3.38
C LYS B 21 29.15 3.17 -4.74
N VAL B 22 28.15 2.27 -4.82
CA VAL B 22 27.28 2.15 -6.00
C VAL B 22 26.53 3.46 -6.25
N PRO B 23 26.59 4.04 -7.44
CA PRO B 23 25.88 5.29 -7.69
C PRO B 23 24.38 5.11 -7.71
N VAL B 24 23.66 6.15 -7.34
CA VAL B 24 22.22 6.21 -7.50
C VAL B 24 21.91 7.02 -8.75
N PHE B 25 21.21 6.40 -9.70
CA PHE B 25 20.73 7.09 -10.88
C PHE B 25 19.29 7.52 -10.63
N VAL B 26 19.05 8.83 -10.66
CA VAL B 26 17.72 9.41 -10.51
C VAL B 26 17.28 9.97 -11.85
N PHE B 27 15.96 10.02 -12.05
CA PHE B 27 15.34 10.43 -13.30
C PHE B 27 14.38 11.59 -13.04
N HIS B 28 14.43 12.59 -13.92
CA HIS B 28 13.75 13.86 -13.69
C HIS B 28 12.25 13.66 -13.53
N PRO B 29 11.59 14.51 -12.74
CA PRO B 29 10.13 14.47 -12.66
C PRO B 29 9.49 15.26 -13.79
N ALA B 30 8.19 15.03 -13.97
CA ALA B 30 7.42 15.82 -14.92
C ALA B 30 7.49 17.30 -14.54
N GLY B 31 7.96 18.13 -15.46
CA GLY B 31 8.02 19.55 -15.19
C GLY B 31 9.16 20.02 -14.28
N GLY B 32 10.18 19.19 -14.04
CA GLY B 32 11.27 19.61 -13.19
C GLY B 32 12.57 18.93 -13.58
N SER B 33 13.62 19.25 -12.81
CA SER B 33 14.95 18.69 -13.05
C SER B 33 15.34 17.76 -11.91
N THR B 34 16.48 17.07 -12.08
CA THR B 34 16.93 16.14 -11.06
C THR B 34 17.58 16.83 -9.86
N VAL B 35 17.70 18.16 -9.90
CA VAL B 35 18.08 18.91 -8.71
C VAL B 35 17.05 18.70 -7.60
N VAL B 36 15.82 18.32 -7.96
CA VAL B 36 14.77 18.04 -6.98
C VAL B 36 15.15 16.89 -6.04
N TYR B 37 16.14 16.07 -6.41
CA TYR B 37 16.57 14.93 -5.61
C TYR B 37 17.66 15.28 -4.60
N GLU B 38 18.12 16.53 -4.54
CA GLU B 38 19.08 16.94 -3.52
C GLU B 38 18.64 16.65 -2.08
N PRO B 39 17.40 16.95 -1.66
CA PRO B 39 17.00 16.53 -0.30
C PRO B 39 17.11 15.03 -0.09
N LEU B 40 16.71 14.22 -1.06
CA LEU B 40 16.89 12.77 -0.94
C LEU B 40 18.36 12.41 -0.72
N LEU B 41 19.25 13.00 -1.51
CA LEU B 41 20.67 12.72 -1.37
C LEU B 41 21.15 13.03 0.05
N GLY B 42 20.64 14.11 0.63
CA GLY B 42 20.97 14.43 2.01
C GLY B 42 20.52 13.38 3.01
N ARG B 43 19.60 12.50 2.62
CA ARG B 43 19.09 11.45 3.50
C ARG B 43 19.65 10.08 3.17
N LEU B 44 20.59 10.01 2.23
CA LEU B 44 21.25 8.77 1.85
C LEU B 44 22.61 8.70 2.50
N PRO B 45 23.25 7.52 2.50
CA PRO B 45 24.55 7.42 3.19
C PRO B 45 25.56 8.38 2.61
N ALA B 46 26.51 8.77 3.45
CA ALA B 46 27.57 9.69 3.07
C ALA B 46 28.32 9.21 1.84
N ASP B 47 28.63 10.16 0.97
CA ASP B 47 29.44 9.91 -0.22
C ASP B 47 28.75 8.96 -1.19
N THR B 48 27.44 8.83 -1.11
CA THR B 48 26.70 8.12 -2.14
C THR B 48 26.77 8.93 -3.43
N PRO B 49 27.34 8.39 -4.50
CA PRO B 49 27.32 9.13 -5.76
C PRO B 49 25.91 9.19 -6.32
N MET B 50 25.61 10.26 -7.05
CA MET B 50 24.29 10.42 -7.62
C MET B 50 24.37 11.14 -8.96
N TYR B 51 23.73 10.57 -9.96
CA TYR B 51 23.65 11.15 -11.30
C TYR B 51 22.19 11.23 -11.70
N GLY B 52 21.80 12.38 -12.26
CA GLY B 52 20.43 12.61 -12.65
C GLY B 52 20.30 12.57 -14.17
N PHE B 53 19.25 11.90 -14.65
CA PHE B 53 18.96 11.84 -16.08
C PHE B 53 17.85 12.82 -16.42
N GLU B 54 18.16 13.82 -17.26
CA GLU B 54 17.20 14.88 -17.55
C GLU B 54 16.38 14.51 -18.79
N ARG B 55 15.50 15.43 -19.17
CA ARG B 55 14.49 15.15 -20.18
C ARG B 55 15.08 14.86 -21.55
N VAL B 56 14.53 13.84 -22.21
CA VAL B 56 14.75 13.54 -23.62
C VAL B 56 13.39 13.26 -24.25
N GLU B 57 13.37 13.14 -25.57
CA GLU B 57 12.13 13.02 -26.32
C GLU B 57 11.73 11.56 -26.55
N GLY B 58 10.42 11.36 -26.74
CA GLY B 58 9.88 10.13 -27.26
C GLY B 58 8.88 9.48 -26.31
N SER B 59 8.41 8.31 -26.73
CA SER B 59 7.67 7.44 -25.84
C SER B 59 8.58 6.99 -24.70
N ILE B 60 7.97 6.43 -23.66
CA ILE B 60 8.74 5.94 -22.53
C ILE B 60 9.86 5.00 -23.02
N GLU B 61 9.51 4.04 -23.86
CA GLU B 61 10.53 3.11 -24.36
C GLU B 61 11.58 3.84 -25.20
N GLU B 62 11.17 4.84 -25.98
CA GLU B 62 12.16 5.61 -26.75
C GLU B 62 13.11 6.36 -25.84
N ARG B 63 12.60 6.85 -24.72
CA ARG B 63 13.46 7.58 -23.77
C ARG B 63 14.42 6.62 -23.09
N ALA B 64 13.95 5.43 -22.71
CA ALA B 64 14.85 4.45 -22.13
C ALA B 64 15.87 3.96 -23.15
N GLN B 65 15.48 3.92 -24.42
CA GLN B 65 16.39 3.56 -25.49
C GLN B 65 17.62 4.48 -25.52
N GLN B 66 17.45 5.74 -25.14
CA GLN B 66 18.54 6.70 -25.08
C GLN B 66 19.27 6.63 -23.74
N TYR B 67 18.53 6.40 -22.66
CA TYR B 67 19.14 6.38 -21.34
C TYR B 67 19.99 5.14 -21.12
N VAL B 68 19.50 3.97 -21.56
CA VAL B 68 20.17 2.71 -21.22
C VAL B 68 21.61 2.63 -21.74
N PRO B 69 21.92 2.98 -22.99
CA PRO B 69 23.34 2.99 -23.41
C PRO B 69 24.22 3.90 -22.55
N LYS B 70 23.70 5.04 -22.13
CA LYS B 70 24.48 5.94 -21.28
C LYS B 70 24.70 5.33 -19.90
N LEU B 71 23.67 4.70 -19.34
CA LEU B 71 23.80 4.02 -18.05
C LEU B 71 24.92 2.96 -18.09
N ILE B 72 24.94 2.15 -19.14
CA ILE B 72 25.96 1.10 -19.25
C ILE B 72 27.35 1.70 -19.44
N GLU B 73 27.44 2.80 -20.21
CA GLU B 73 28.71 3.51 -20.30
C GLU B 73 29.24 3.90 -18.93
N MET B 74 28.35 4.36 -18.05
CA MET B 74 28.77 4.86 -16.75
C MET B 74 28.98 3.77 -15.69
N GLN B 75 28.26 2.64 -15.77
CA GLN B 75 28.28 1.67 -14.67
C GLN B 75 28.53 0.24 -15.13
N GLY B 76 28.63 -0.02 -16.43
CA GLY B 76 29.02 -1.34 -16.91
C GLY B 76 28.05 -2.44 -16.51
N ASP B 77 28.54 -3.46 -15.82
CA ASP B 77 27.68 -4.60 -15.51
C ASP B 77 26.72 -4.32 -14.36
N GLY B 78 26.95 -3.28 -13.58
CA GLY B 78 26.14 -3.04 -12.41
C GLY B 78 27.03 -3.01 -11.19
N PRO B 79 26.44 -2.99 -10.00
CA PRO B 79 25.00 -3.02 -9.71
C PRO B 79 24.30 -1.71 -10.11
N TYR B 80 23.04 -1.80 -10.54
CA TYR B 80 22.25 -0.63 -10.91
C TYR B 80 21.23 -0.32 -9.82
N VAL B 81 21.19 0.93 -9.39
CA VAL B 81 20.22 1.47 -8.47
C VAL B 81 19.52 2.62 -9.17
N LEU B 82 18.22 2.48 -9.39
CA LEU B 82 17.46 3.40 -10.23
C LEU B 82 16.29 3.94 -9.44
N VAL B 83 16.15 5.27 -9.40
CA VAL B 83 15.20 5.93 -8.52
C VAL B 83 14.50 7.06 -9.26
N GLY B 84 13.20 7.19 -9.05
CA GLY B 84 12.49 8.30 -9.64
C GLY B 84 11.18 8.66 -8.98
N TRP B 85 10.98 9.96 -8.78
CA TRP B 85 9.70 10.53 -8.37
C TRP B 85 8.93 10.96 -9.62
N SER B 86 7.60 10.90 -9.54
CA SER B 86 6.73 11.37 -10.65
C SER B 86 7.09 10.57 -11.91
N LEU B 87 7.18 11.23 -13.07
CA LEU B 87 7.51 10.53 -14.32
C LEU B 87 8.84 9.78 -14.20
N GLY B 88 9.77 10.33 -13.41
CA GLY B 88 11.07 9.68 -13.20
C GLY B 88 10.98 8.26 -12.70
N GLY B 89 9.93 7.95 -11.92
CA GLY B 89 9.74 6.56 -11.50
C GLY B 89 9.45 5.66 -12.69
N VAL B 90 8.58 6.11 -13.59
CA VAL B 90 8.29 5.33 -14.80
C VAL B 90 9.54 5.19 -15.66
N LEU B 91 10.31 6.28 -15.79
CA LEU B 91 11.56 6.25 -16.56
C LEU B 91 12.54 5.26 -15.94
N ALA B 92 12.71 5.33 -14.62
CA ALA B 92 13.59 4.41 -13.91
C ALA B 92 13.18 2.97 -14.19
N TYR B 93 11.88 2.69 -14.17
CA TYR B 93 11.41 1.32 -14.33
C TYR B 93 11.66 0.82 -15.75
N ALA B 94 11.37 1.66 -16.74
CA ALA B 94 11.63 1.28 -18.12
C ALA B 94 13.11 1.01 -18.34
N CYS B 95 13.98 1.75 -17.65
CA CYS B 95 15.41 1.48 -17.75
C CYS B 95 15.77 0.15 -17.13
N ALA B 96 15.15 -0.18 -15.98
CA ALA B 96 15.38 -1.48 -15.35
C ALA B 96 15.09 -2.61 -16.33
N ILE B 97 13.95 -2.53 -17.03
CA ILE B 97 13.62 -3.58 -17.99
C ILE B 97 14.68 -3.67 -19.07
N GLY B 98 15.08 -2.52 -19.64
CA GLY B 98 16.10 -2.53 -20.67
C GLY B 98 17.42 -3.08 -20.17
N LEU B 99 17.82 -2.70 -18.97
CA LEU B 99 19.10 -3.18 -18.46
C LEU B 99 19.04 -4.67 -18.20
N ARG B 100 17.89 -5.14 -17.71
CA ARG B 100 17.75 -6.56 -17.41
C ARG B 100 17.79 -7.37 -18.70
N ARG B 101 17.20 -6.85 -19.78
CA ARG B 101 17.27 -7.56 -21.06
C ARG B 101 18.69 -7.66 -21.57
N LEU B 102 19.55 -6.71 -21.20
CA LEU B 102 20.95 -6.73 -21.60
C LEU B 102 21.82 -7.50 -20.63
N GLY B 103 21.21 -8.22 -19.69
CA GLY B 103 21.96 -9.05 -18.76
C GLY B 103 22.59 -8.32 -17.60
N LYS B 104 22.21 -7.07 -17.35
CA LYS B 104 22.82 -6.30 -16.28
C LYS B 104 22.19 -6.63 -14.92
N ASP B 105 22.92 -6.30 -13.87
CA ASP B 105 22.55 -6.58 -12.48
C ASP B 105 21.82 -5.37 -11.91
N VAL B 106 20.49 -5.38 -11.96
CA VAL B 106 19.68 -4.30 -11.41
C VAL B 106 19.27 -4.68 -9.98
N ARG B 107 19.78 -3.95 -9.00
CA ARG B 107 19.57 -4.35 -7.61
C ARG B 107 18.47 -3.58 -6.89
N PHE B 108 18.08 -2.41 -7.38
CA PHE B 108 17.11 -1.59 -6.68
C PHE B 108 16.41 -0.68 -7.68
N VAL B 109 15.09 -0.67 -7.64
CA VAL B 109 14.26 0.24 -8.41
C VAL B 109 13.38 0.94 -7.40
N GLY B 110 13.57 2.24 -7.26
CA GLY B 110 12.80 2.97 -6.26
C GLY B 110 11.81 3.93 -6.88
N LEU B 111 10.53 3.65 -6.72
CA LEU B 111 9.47 4.51 -7.25
C LEU B 111 8.98 5.38 -6.11
N ILE B 112 9.23 6.68 -6.22
CA ILE B 112 8.77 7.62 -5.21
C ILE B 112 7.39 8.12 -5.66
N ASP B 113 6.37 7.47 -5.11
CA ASP B 113 4.95 7.77 -5.36
C ASP B 113 4.62 7.89 -6.84
N ALA B 114 5.29 7.07 -7.67
CA ALA B 114 4.95 6.99 -9.09
C ALA B 114 3.74 6.07 -9.25
N VAL B 115 2.60 6.55 -8.80
CA VAL B 115 1.38 5.75 -8.66
C VAL B 115 0.51 5.90 -9.91
N ARG B 116 0.10 4.76 -10.46
CA ARG B 116 -0.79 4.74 -11.62
C ARG B 116 -2.17 5.25 -11.23
N ALA B 117 -2.88 5.80 -12.21
CA ALA B 117 -4.28 6.15 -12.00
C ALA B 117 -5.07 4.91 -11.58
N GLY B 118 -6.08 5.12 -10.73
CA GLY B 118 -6.87 4.02 -10.21
C GLY B 118 -7.82 3.42 -11.22
N GLU B 119 -8.18 4.18 -12.25
CA GLU B 119 -9.01 3.72 -13.35
C GLU B 119 -8.31 4.02 -14.68
N GLU B 120 -8.46 3.11 -15.64
CA GLU B 120 -7.84 3.27 -16.95
C GLU B 120 -8.29 4.58 -17.61
N ILE B 121 -7.33 5.28 -18.20
CA ILE B 121 -7.60 6.55 -18.90
C ILE B 121 -7.88 6.22 -20.35
N PRO B 122 -9.11 6.46 -20.85
CA PRO B 122 -9.43 6.11 -22.24
C PRO B 122 -8.62 6.96 -23.22
N GLN B 123 -8.39 6.39 -24.40
CA GLN B 123 -7.79 7.11 -25.52
C GLN B 123 -8.82 7.25 -26.63
N THR B 124 -9.80 8.11 -26.39
CA THR B 124 -10.93 8.30 -27.30
C THR B 124 -11.10 9.78 -27.60
N LYS B 125 -11.84 10.07 -28.66
CA LYS B 125 -12.07 11.46 -29.02
C LYS B 125 -12.98 12.13 -27.99
N GLU B 126 -13.92 11.38 -27.41
CA GLU B 126 -14.78 11.93 -26.36
C GLU B 126 -13.96 12.38 -25.16
N GLU B 127 -12.93 11.60 -24.80
CA GLU B 127 -12.09 11.95 -23.66
C GLU B 127 -11.22 13.16 -23.96
N ILE B 128 -10.76 13.30 -25.20
CA ILE B 128 -10.01 14.50 -25.58
C ILE B 128 -10.83 15.75 -25.31
N ARG B 129 -12.11 15.73 -25.69
CA ARG B 129 -12.96 16.90 -25.44
C ARG B 129 -13.09 17.17 -23.95
N LYS B 130 -13.35 16.12 -23.17
CA LYS B 130 -13.46 16.28 -21.72
C LYS B 130 -12.18 16.80 -21.11
N ARG B 131 -11.04 16.29 -21.56
CA ARG B 131 -9.78 16.67 -20.93
C ARG B 131 -9.54 18.17 -21.09
N TRP B 132 -9.80 18.72 -22.29
CA TRP B 132 -9.59 20.14 -22.51
C TRP B 132 -10.71 20.99 -21.90
N ASP B 133 -11.92 20.46 -21.86
CA ASP B 133 -12.99 21.14 -21.13
C ASP B 133 -12.61 21.31 -19.68
N ARG B 134 -12.06 20.25 -19.09
CA ARG B 134 -11.66 20.30 -17.68
C ARG B 134 -10.51 21.27 -17.49
N TYR B 135 -9.52 21.24 -18.38
CA TYR B 135 -8.40 22.17 -18.28
C TYR B 135 -8.88 23.61 -18.43
N ALA B 136 -9.83 23.84 -19.34
CA ALA B 136 -10.39 25.19 -19.50
C ALA B 136 -11.04 25.69 -18.21
N ALA B 137 -11.82 24.83 -17.55
CA ALA B 137 -12.46 25.24 -16.31
C ALA B 137 -11.45 25.58 -15.23
N PHE B 138 -10.32 24.87 -15.18
CA PHE B 138 -9.30 25.12 -14.16
C PHE B 138 -8.72 26.53 -14.27
N ALA B 139 -8.55 27.05 -15.48
CA ALA B 139 -8.04 28.40 -15.69
C ALA B 139 -9.09 29.47 -15.43
N GLU B 140 -10.38 29.17 -15.59
CA GLU B 140 -11.43 30.12 -15.26
C GLU B 140 -11.58 30.29 -13.76
N LYS B 141 -11.36 29.23 -12.99
CA LYS B 141 -11.37 29.32 -11.53
C LYS B 141 -10.06 29.88 -10.99
N THR B 142 -8.92 29.38 -11.45
CA THR B 142 -7.61 29.81 -10.90
C THR B 142 -7.06 31.04 -11.61
N ASN B 144 -7.70 33.81 -12.93
CA ASN B 144 -8.93 34.45 -13.38
C ASN B 144 -8.75 35.05 -14.77
N VAL B 145 -8.50 34.19 -15.75
CA VAL B 145 -8.60 34.55 -17.15
C VAL B 145 -9.89 33.94 -17.70
N THR B 146 -10.31 34.44 -18.86
CA THR B 146 -11.37 33.80 -19.61
C THR B 146 -10.66 33.25 -20.84
N ILE B 147 -10.91 31.97 -21.13
CA ILE B 147 -10.17 31.22 -22.14
C ILE B 147 -11.10 31.08 -23.35
N PRO B 148 -10.60 31.25 -24.57
CA PRO B 148 -11.48 31.36 -25.74
C PRO B 148 -12.22 30.07 -26.07
N ALA B 149 -13.19 30.19 -26.98
CA ALA B 149 -13.78 29.00 -27.59
C ALA B 149 -12.67 28.22 -28.31
N ILE B 150 -12.60 26.91 -28.06
CA ILE B 150 -11.68 26.04 -28.77
C ILE B 150 -12.48 25.08 -29.63
N PRO B 151 -12.32 25.10 -30.96
CA PRO B 151 -13.06 24.16 -31.81
C PRO B 151 -12.65 22.70 -31.71
N TYR B 152 -13.34 21.92 -30.85
CA TYR B 152 -13.00 20.54 -30.52
C TYR B 152 -12.90 19.63 -31.73
N GLU B 153 -13.54 19.98 -32.85
CA GLU B 153 -13.48 19.11 -34.02
C GLU B 153 -12.08 19.01 -34.60
N GLN B 154 -11.34 20.13 -34.66
CA GLN B 154 -9.95 20.05 -35.10
C GLN B 154 -9.09 19.38 -34.03
N LEU B 155 -9.40 19.63 -32.77
CA LEU B 155 -8.59 19.15 -31.66
C LEU B 155 -8.53 17.64 -31.61
N GLU B 156 -9.68 16.97 -31.76
CA GLU B 156 -9.73 15.54 -31.49
C GLU B 156 -9.04 14.70 -32.55
N GLU B 157 -8.58 15.32 -33.64
CA GLU B 157 -7.79 14.66 -34.66
C GLU B 157 -6.29 14.74 -34.40
N LEU B 158 -5.86 15.44 -33.36
CA LEU B 158 -4.46 15.69 -33.07
C LEU B 158 -3.96 14.75 -31.99
N ASP B 159 -2.65 14.47 -32.01
CA ASP B 159 -2.02 13.75 -30.90
C ASP B 159 -1.80 14.74 -29.75
N ASP B 160 -1.26 14.25 -28.63
CA ASP B 160 -1.10 15.12 -27.47
C ASP B 160 -0.28 16.35 -27.83
N GLU B 161 0.83 16.14 -28.57
CA GLU B 161 1.70 17.25 -28.96
C GLU B 161 0.94 18.31 -29.74
N GLY B 162 0.16 17.89 -30.74
CA GLY B 162 -0.61 18.83 -31.53
C GLY B 162 -1.70 19.51 -30.72
N GLN B 163 -2.35 18.75 -29.83
CA GLN B 163 -3.43 19.29 -29.01
C GLN B 163 -2.97 20.48 -28.16
N VAL B 164 -1.92 20.29 -27.37
CA VAL B 164 -1.51 21.35 -26.46
C VAL B 164 -1.02 22.58 -27.24
N ARG B 165 -0.32 22.37 -28.35
CA ARG B 165 0.07 23.49 -29.20
C ARG B 165 -1.15 24.22 -29.74
N PHE B 166 -2.15 23.46 -30.19
CA PHE B 166 -3.37 24.05 -30.73
C PHE B 166 -4.10 24.89 -29.67
N VAL B 167 -4.17 24.39 -28.44
CA VAL B 167 -4.84 25.14 -27.38
C VAL B 167 -3.99 26.33 -26.95
N LEU B 168 -2.67 26.14 -26.88
CA LEU B 168 -1.79 27.26 -26.55
C LEU B 168 -1.90 28.36 -27.60
N ASP B 169 -2.07 27.97 -28.87
CA ASP B 169 -2.28 28.96 -29.94
C ASP B 169 -3.58 29.71 -29.75
N ALA B 170 -4.66 29.00 -29.42
CA ALA B 170 -5.95 29.66 -29.23
C ALA B 170 -5.90 30.65 -28.07
N VAL B 171 -5.19 30.29 -26.99
CA VAL B 171 -5.14 31.17 -25.82
C VAL B 171 -4.47 32.50 -26.15
N SER B 172 -3.37 32.46 -26.90
CA SER B 172 -2.71 33.70 -27.30
C SER B 172 -3.53 34.49 -28.31
N GLN B 173 -4.10 33.80 -29.31
CA GLN B 173 -4.86 34.49 -30.35
C GLN B 173 -6.03 35.29 -29.78
N SER B 174 -6.53 34.90 -28.61
CA SER B 174 -7.59 35.66 -27.96
C SER B 174 -7.07 36.78 -27.08
N GLY B 175 -5.75 36.95 -26.98
CA GLY B 175 -5.16 38.10 -26.31
C GLY B 175 -4.58 37.84 -24.94
N VAL B 176 -4.65 36.61 -24.43
CA VAL B 176 -3.99 36.26 -23.17
C VAL B 176 -2.49 36.27 -23.42
N GLN B 177 -1.77 37.13 -22.71
CA GLN B 177 -0.37 37.39 -23.01
C GLN B 177 0.50 36.74 -21.93
N ILE B 178 1.21 35.69 -22.30
CA ILE B 178 2.05 34.94 -21.37
C ILE B 178 3.45 34.85 -21.95
N PRO B 179 4.49 35.10 -21.15
CA PRO B 179 5.88 35.00 -21.66
C PRO B 179 6.19 33.64 -22.27
N ALA B 180 6.94 33.68 -23.39
CA ALA B 180 7.20 32.47 -24.17
C ALA B 180 7.88 31.39 -23.34
N GLY B 181 8.82 31.77 -22.47
CA GLY B 181 9.49 30.79 -21.64
C GLY B 181 8.54 30.05 -20.73
N ILE B 182 7.53 30.75 -20.21
CA ILE B 182 6.53 30.13 -19.35
C ILE B 182 5.67 29.16 -20.15
N ILE B 183 5.23 29.58 -21.34
CA ILE B 183 4.41 28.72 -22.20
C ILE B 183 5.14 27.41 -22.48
N GLU B 184 6.43 27.48 -22.82
CA GLU B 184 7.17 26.28 -23.16
C GLU B 184 7.33 25.34 -21.97
N HIS B 185 7.61 25.89 -20.79
CA HIS B 185 7.74 25.05 -19.60
C HIS B 185 6.42 24.35 -19.27
N GLN B 186 5.30 25.06 -19.45
CA GLN B 186 4.00 24.45 -19.21
C GLN B 186 3.67 23.41 -20.27
N ARG B 187 4.05 23.68 -21.53
CA ARG B 187 3.84 22.72 -22.60
C ARG B 187 4.55 21.40 -22.30
N THR B 188 5.84 21.46 -21.93
CA THR B 188 6.55 20.21 -21.66
C THR B 188 6.09 19.59 -20.34
N SER B 189 5.69 20.41 -19.37
CA SER B 189 5.16 19.84 -18.13
C SER B 189 3.88 19.07 -18.41
N TYR B 190 3.00 19.66 -19.23
CA TYR B 190 1.79 18.96 -19.64
C TYR B 190 2.10 17.66 -20.37
N LEU B 191 2.97 17.70 -21.38
CA LEU B 191 3.25 16.49 -22.16
C LEU B 191 3.92 15.41 -21.33
N ASP B 192 4.84 15.79 -20.43
CA ASP B 192 5.48 14.80 -19.59
C ASP B 192 4.47 14.14 -18.65
N ASN B 193 3.47 14.90 -18.18
CA ASN B 193 2.42 14.29 -17.39
C ASN B 193 1.57 13.34 -18.23
N ARG B 194 1.23 13.74 -19.47
CA ARG B 194 0.53 12.84 -20.36
C ARG B 194 1.35 11.59 -20.64
N ALA B 195 2.68 11.72 -20.70
CA ALA B 195 3.54 10.55 -20.90
C ALA B 195 3.37 9.54 -19.77
N ILE B 196 3.12 10.01 -18.55
CA ILE B 196 2.80 9.11 -17.46
C ILE B 196 1.51 8.38 -17.78
N ASP B 197 0.49 9.13 -18.23
CA ASP B 197 -0.84 8.55 -18.50
C ASP B 197 -0.77 7.46 -19.56
N THR B 198 -0.03 7.68 -20.64
CA THR B 198 -0.05 6.77 -21.78
C THR B 198 1.06 5.73 -21.73
N ALA B 199 1.83 5.68 -20.65
CA ALA B 199 2.89 4.69 -20.52
C ALA B 199 2.32 3.28 -20.58
N GLN B 200 2.91 2.43 -21.42
CA GLN B 200 2.56 1.01 -21.48
C GLN B 200 3.56 0.23 -20.63
N ILE B 201 3.17 -0.03 -19.38
CA ILE B 201 4.03 -0.71 -18.41
C ILE B 201 4.20 -2.19 -18.79
N GLN B 202 5.46 -2.64 -18.87
CA GLN B 202 5.83 -4.02 -19.13
C GLN B 202 6.18 -4.76 -17.85
N PRO B 203 6.09 -6.10 -17.87
CA PRO B 203 6.51 -6.90 -16.70
C PRO B 203 7.98 -6.76 -16.39
N TYR B 204 8.30 -6.70 -15.11
CA TYR B 204 9.66 -6.65 -14.60
C TYR B 204 9.80 -7.70 -13.51
N ASP B 205 10.87 -8.49 -13.56
CA ASP B 205 11.00 -9.64 -12.68
C ASP B 205 11.98 -9.40 -11.55
N GLY B 206 12.34 -8.15 -11.28
CA GLY B 206 13.19 -7.80 -10.16
C GLY B 206 12.38 -7.18 -9.03
N HIS B 207 13.10 -6.81 -7.97
CA HIS B 207 12.47 -6.21 -6.80
C HIS B 207 12.23 -4.73 -7.03
N VAL B 208 11.01 -4.27 -6.76
CA VAL B 208 10.65 -2.87 -6.89
C VAL B 208 10.15 -2.37 -5.54
N THR B 209 10.62 -1.19 -5.16
CA THR B 209 10.21 -0.54 -3.92
C THR B 209 9.37 0.66 -4.27
N LEU B 210 8.13 0.65 -3.84
CA LEU B 210 7.20 1.75 -4.10
C LEU B 210 6.95 2.51 -2.81
N TYR B 211 7.49 3.73 -2.73
CA TYR B 211 7.20 4.62 -1.62
C TYR B 211 5.84 5.26 -1.90
N MET B 212 4.87 5.01 -1.04
CA MET B 212 3.48 5.34 -1.32
C MET B 212 2.97 6.43 -0.38
N ALA B 213 2.61 7.58 -0.96
CA ALA B 213 1.95 8.65 -0.23
C ALA B 213 0.47 8.33 -0.05
N ASP B 214 -0.27 9.20 0.63
CA ASP B 214 -1.70 8.97 0.83
C ASP B 214 -2.49 9.17 -0.46
N ARG B 215 -2.09 10.15 -1.28
CA ARG B 215 -2.93 10.56 -2.39
C ARG B 215 -2.16 11.54 -3.27
N TYR B 216 -2.63 11.70 -4.50
CA TYR B 216 -2.18 12.81 -5.32
C TYR B 216 -2.75 14.10 -4.77
N HIS B 217 -2.01 15.19 -4.98
CA HIS B 217 -2.48 16.50 -4.57
C HIS B 217 -3.61 16.98 -5.49
N ASP B 218 -4.34 17.99 -5.01
CA ASP B 218 -5.56 18.45 -5.67
C ASP B 218 -5.31 18.80 -7.13
N ASP B 219 -4.21 19.50 -7.42
CA ASP B 219 -3.95 19.96 -8.77
C ASP B 219 -3.81 18.81 -9.75
N ALA B 220 -3.13 17.73 -9.34
CA ALA B 220 -3.03 16.54 -10.19
C ALA B 220 -4.42 15.95 -10.45
N ILE B 221 -5.23 15.84 -9.40
CA ILE B 221 -6.58 15.30 -9.55
C ILE B 221 -7.44 16.20 -10.43
N MET B 222 -7.24 17.52 -10.36
CA MET B 222 -8.01 18.42 -11.22
C MET B 222 -7.76 18.12 -12.69
N PHE B 223 -6.51 17.82 -13.06
CA PHE B 223 -6.17 17.54 -14.45
C PHE B 223 -6.68 16.18 -14.90
N GLU B 224 -6.63 15.18 -14.02
CA GLU B 224 -7.07 13.81 -14.35
C GLU B 224 -7.70 13.23 -13.11
N PRO B 225 -9.04 13.25 -13.02
CA PRO B 225 -9.70 12.79 -11.79
C PRO B 225 -9.53 11.30 -11.51
N ARG B 226 -9.14 10.49 -12.50
CA ARG B 226 -8.90 9.08 -12.24
C ARG B 226 -7.73 8.84 -11.27
N TYR B 227 -6.93 9.88 -11.00
CA TYR B 227 -5.87 9.79 -9.99
C TYR B 227 -6.42 10.03 -8.59
N ALA B 228 -7.72 10.30 -8.44
CA ALA B 228 -8.31 10.51 -7.12
C ALA B 228 -8.44 9.22 -6.32
N VAL B 229 -8.32 8.07 -6.96
CA VAL B 229 -8.38 6.78 -6.29
C VAL B 229 -7.10 6.02 -6.62
N ARG B 230 -6.46 5.44 -5.60
CA ARG B 230 -5.33 4.58 -5.81
C ARG B 230 -5.58 3.22 -5.18
N GLN B 231 -5.01 2.19 -5.81
CA GLN B 231 -5.02 0.81 -5.38
C GLN B 231 -3.87 0.55 -4.41
N PRO B 232 -3.98 -0.50 -3.59
CA PRO B 232 -2.90 -0.83 -2.65
C PRO B 232 -1.54 -1.06 -3.31
N ASP B 233 -1.52 -1.62 -4.51
CA ASP B 233 -0.29 -1.86 -5.24
C ASP B 233 0.13 -0.66 -6.08
N GLY B 234 -0.64 0.42 -6.05
CA GLY B 234 -0.36 1.59 -6.86
C GLY B 234 -0.50 1.35 -8.34
N GLY B 235 -1.12 0.24 -8.74
CA GLY B 235 -1.24 -0.14 -10.13
C GLY B 235 -0.08 -0.92 -10.68
N TRP B 236 0.90 -1.27 -9.84
CA TRP B 236 2.12 -1.95 -10.25
C TRP B 236 2.08 -3.46 -10.03
N GLY B 237 1.13 -3.95 -9.21
CA GLY B 237 1.12 -5.36 -8.85
C GLY B 237 1.05 -6.32 -10.01
N GLU B 238 0.25 -5.99 -11.04
CA GLU B 238 0.13 -6.91 -12.17
C GLU B 238 1.40 -6.97 -13.00
N TYR B 239 2.30 -6.00 -12.88
CA TYR B 239 3.54 -6.03 -13.63
C TYR B 239 4.74 -6.42 -12.78
N VAL B 240 4.65 -6.25 -11.46
CA VAL B 240 5.76 -6.52 -10.55
C VAL B 240 5.28 -7.48 -9.48
N SER B 241 5.74 -8.72 -9.53
CA SER B 241 5.34 -9.68 -8.50
C SER B 241 6.17 -9.48 -7.24
N ASP B 242 7.45 -9.13 -7.39
CA ASP B 242 8.32 -8.84 -6.25
C ASP B 242 8.25 -7.35 -5.90
N LEU B 243 7.11 -6.95 -5.35
CA LEU B 243 6.81 -5.55 -5.08
C LEU B 243 6.73 -5.27 -3.59
N GLU B 244 7.50 -4.29 -3.14
CA GLU B 244 7.49 -3.83 -1.77
C GLU B 244 6.91 -2.41 -1.75
N VAL B 245 5.92 -2.19 -0.89
CA VAL B 245 5.30 -0.87 -0.73
C VAL B 245 5.67 -0.33 0.64
N VAL B 246 6.14 0.91 0.67
CA VAL B 246 6.52 1.60 1.89
C VAL B 246 5.61 2.82 2.05
N PRO B 247 4.59 2.74 2.90
CA PRO B 247 3.73 3.93 3.10
C PRO B 247 4.53 5.07 3.70
N ILE B 248 4.34 6.28 3.15
CA ILE B 248 5.08 7.44 3.63
C ILE B 248 4.12 8.57 4.01
N GLY B 249 2.83 8.39 3.71
CA GLY B 249 1.83 9.39 4.04
C GLY B 249 1.88 10.61 3.13
N GLY B 250 1.06 11.60 3.48
CA GLY B 250 1.13 12.88 2.76
C GLY B 250 0.62 12.81 1.32
N GLU B 251 0.97 13.84 0.57
CA GLU B 251 0.54 14.01 -0.81
C GLU B 251 1.72 13.81 -1.77
N HIS B 252 1.38 13.48 -3.02
CA HIS B 252 2.40 13.27 -4.05
C HIS B 252 3.42 14.40 -4.10
N ILE B 253 2.94 15.64 -4.08
CA ILE B 253 3.83 16.78 -4.29
C ILE B 253 4.81 16.92 -3.14
N GLN B 254 4.46 16.44 -1.95
CA GLN B 254 5.30 16.55 -0.77
C GLN B 254 6.30 15.41 -0.62
N ALA B 255 6.11 14.31 -1.36
CA ALA B 255 6.90 13.11 -1.13
C ALA B 255 8.39 13.34 -1.34
N ILE B 256 8.74 14.29 -2.22
CA ILE B 256 10.15 14.54 -2.56
C ILE B 256 10.86 15.47 -1.58
N ASP B 257 10.12 16.19 -0.73
CA ASP B 257 10.69 17.20 0.16
C ASP B 257 10.69 16.73 1.61
N GLU B 258 11.51 17.41 2.41
CA GLU B 258 11.43 17.27 3.86
C GLU B 258 10.04 17.67 4.33
N PRO B 259 9.49 17.01 5.36
CA PRO B 259 10.13 15.94 6.13
C PRO B 259 9.91 14.54 5.55
N ILE B 260 8.99 14.40 4.60
CA ILE B 260 8.60 13.07 4.14
C ILE B 260 9.75 12.33 3.48
N ILE B 261 10.62 13.06 2.78
CA ILE B 261 11.75 12.42 2.10
C ILE B 261 12.69 11.74 3.10
N ALA B 262 12.71 12.19 4.36
CA ALA B 262 13.51 11.50 5.37
C ALA B 262 13.03 10.07 5.55
N LYS B 263 11.71 9.88 5.51
CA LYS B 263 11.18 8.53 5.63
C LYS B 263 11.63 7.69 4.44
N VAL B 264 11.55 8.26 3.22
CA VAL B 264 12.05 7.59 2.02
C VAL B 264 13.55 7.30 2.16
N GLY B 265 14.32 8.31 2.56
CA GLY B 265 15.77 8.15 2.63
C GLY B 265 16.24 7.13 3.66
N GLU B 266 15.59 7.09 4.82
CA GLU B 266 15.97 6.10 5.84
C GLU B 266 15.80 4.69 5.32
N HIS B 267 14.66 4.39 4.70
CA HIS B 267 14.43 3.05 4.16
C HIS B 267 15.42 2.75 3.03
N MET B 268 15.61 3.72 2.12
CA MET B 268 16.49 3.51 0.99
C MET B 268 17.94 3.31 1.43
N SER B 269 18.35 4.01 2.49
CA SER B 269 19.70 3.85 3.02
C SER B 269 19.96 2.40 3.45
N ARG B 270 19.00 1.76 4.11
CA ARG B 270 19.18 0.37 4.49
C ARG B 270 19.38 -0.51 3.26
N ALA B 271 18.58 -0.26 2.21
CA ALA B 271 18.68 -1.10 1.02
C ALA B 271 20.04 -0.94 0.35
N LEU B 272 20.55 0.30 0.28
CA LEU B 272 21.86 0.51 -0.32
C LEU B 272 22.96 -0.11 0.54
N GLY B 273 22.81 -0.02 1.87
CA GLY B 273 23.78 -0.63 2.75
C GLY B 273 23.87 -2.13 2.52
N GLN B 274 22.72 -2.79 2.36
CA GLN B 274 22.69 -4.21 2.07
C GLN B 274 23.38 -4.51 0.75
N ILE B 275 23.09 -3.70 -0.28
CA ILE B 275 23.75 -3.83 -1.58
C ILE B 275 25.26 -3.65 -1.44
N GLU B 276 25.71 -2.63 -0.69
CA GLU B 276 27.15 -2.42 -0.53
C GLU B 276 27.79 -3.60 0.20
N ALA B 277 27.12 -4.14 1.22
CA ALA B 277 27.65 -5.27 1.95
C ALA B 277 27.82 -6.47 1.02
N ASP B 278 26.81 -6.75 0.18
CA ASP B 278 26.83 -7.88 -0.73
C ASP B 278 27.87 -7.74 -1.85
N ARG B 279 28.46 -6.56 -2.04
CA ARG B 279 29.57 -6.42 -2.98
C ARG B 279 30.81 -7.15 -2.48
#